data_3V0U
#
_entry.id   3V0U
#
_cell.length_a   58.102
_cell.length_b   93.650
_cell.length_c   143.077
_cell.angle_alpha   90.00
_cell.angle_beta   90.00
_cell.angle_gamma   90.00
#
_symmetry.space_group_name_H-M   'C 2 2 21'
#
loop_
_entity.id
_entity.type
_entity.pdbx_description
1 polymer 'Perakine reductase'
2 water water
#
_entity_poly.entity_id   1
_entity_poly.type   'polypeptide(L)'
_entity_poly.pdbx_seq_one_letter_code
;HMPRVKLGTQGLEVSKLGFGCMGLSGDYNDALPEEQGIAVIKEAFNCGITFFDTSDIYGENGSNEELLGKALKQLPREKI
QVGTKFGIHEIGFSGVKAKGTPDYVRSCCEASLKRLDVDYIDLFYIHRIDTTVPIEITMGELKKLVEEGKIKYVGLSEAS
PDTIRRAHAVHPVTALQIEYSLWTRDIEDEIVPLCRQLGIGIVPYSPIGRGLFWGKAIKESLPENSVLTSHPRFVGENLE
KNKQIYYRIEALSQKHGCTPVQLALAWVLHQGEDVVPIPGTTKIKNLHNNVGALKVKLTKEDLKEISDAVPLDEVAGESI
HEVIAVTNWKFANTPPLK
;
_entity_poly.pdbx_strand_id   A
#
# COMPACT_ATOMS: atom_id res chain seq x y z
N HIS A 1 8.19 -2.33 20.58
CA HIS A 1 7.28 -1.32 20.03
C HIS A 1 7.43 -1.15 18.51
N MET A 2 6.33 -0.80 17.86
CA MET A 2 6.26 -0.69 16.40
C MET A 2 7.17 0.39 15.83
N PRO A 3 8.29 -0.01 15.22
CA PRO A 3 9.18 1.01 14.64
C PRO A 3 8.44 1.93 13.65
N ARG A 4 8.95 3.14 13.47
CA ARG A 4 8.32 4.09 12.55
C ARG A 4 9.31 4.52 11.46
N VAL A 5 8.77 4.80 10.27
CA VAL A 5 9.61 5.12 9.13
C VAL A 5 9.09 6.27 8.28
N LYS A 6 10.02 7.05 7.75
CA LYS A 6 9.69 8.10 6.82
C LYS A 6 9.46 7.47 5.47
N LEU A 7 8.25 7.65 4.96
CA LEU A 7 7.89 7.12 3.67
C LEU A 7 7.92 8.28 2.68
N GLY A 8 8.91 8.26 1.77
CA GLY A 8 9.12 9.37 0.86
C GLY A 8 9.94 10.42 1.59
N THR A 9 10.16 11.56 0.95
CA THR A 9 10.94 12.64 1.56
C THR A 9 10.11 13.88 1.75
N GLN A 10 8.78 13.74 1.74
CA GLN A 10 7.90 14.91 1.83
C GLN A 10 7.41 15.16 3.25
N GLY A 11 7.63 14.20 4.14
CA GLY A 11 7.22 14.36 5.52
C GLY A 11 6.32 13.26 6.03
N LEU A 12 5.79 12.44 5.12
CA LEU A 12 4.98 11.29 5.52
C LEU A 12 5.78 10.34 6.38
N GLU A 13 5.22 10.00 7.54
CA GLU A 13 5.81 9.00 8.42
C GLU A 13 4.74 7.96 8.78
N VAL A 14 5.11 6.68 8.71
CA VAL A 14 4.17 5.59 8.93
C VAL A 14 4.76 4.53 9.84
N SER A 15 3.91 3.65 10.37
CA SER A 15 4.43 2.50 11.09
C SER A 15 5.10 1.56 10.08
N LYS A 16 6.17 0.89 10.49
CA LYS A 16 6.99 0.08 9.57
C LYS A 16 6.18 -0.96 8.81
N LEU A 17 5.09 -1.43 9.42
CA LEU A 17 4.17 -2.35 8.76
C LEU A 17 2.84 -1.61 8.58
N GLY A 18 2.31 -1.58 7.35
CA GLY A 18 0.97 -1.03 7.13
C GLY A 18 -0.12 -2.11 7.25
N PHE A 19 -1.38 -1.75 6.99
CA PHE A 19 -2.48 -2.75 6.99
C PHE A 19 -3.42 -2.51 5.81
N GLY A 20 -3.66 -3.55 5.02
CA GLY A 20 -4.60 -3.48 3.90
C GLY A 20 -6.02 -3.85 4.26
N CYS A 21 -6.92 -2.87 4.11
CA CYS A 21 -8.32 -3.09 4.43
C CYS A 21 -9.13 -3.84 3.35
N MET A 22 -8.60 -3.94 2.14
CA MET A 22 -9.40 -4.47 1.03
C MET A 22 -10.23 -5.69 1.44
N GLY A 23 -9.59 -6.68 2.03
CA GLY A 23 -10.26 -7.92 2.38
C GLY A 23 -11.42 -7.85 3.35
N LEU A 24 -11.54 -6.76 4.12
CA LEU A 24 -12.56 -6.71 5.17
C LEU A 24 -13.99 -6.53 4.67
N SER A 25 -14.11 -5.85 3.53
CA SER A 25 -15.40 -5.56 2.92
C SER A 25 -16.05 -6.84 2.43
N GLY A 26 -15.23 -7.79 2.01
CA GLY A 26 -15.70 -9.12 1.71
C GLY A 26 -15.96 -9.38 0.25
N ASP A 27 -17.23 -9.55 -0.09
CA ASP A 27 -17.63 -10.30 -1.27
C ASP A 27 -19.16 -10.32 -1.34
N TYR A 28 -19.74 -10.09 -2.52
CA TYR A 28 -21.20 -9.93 -2.65
C TYR A 28 -22.04 -10.93 -1.84
N ASN A 29 -21.46 -12.07 -1.47
CA ASN A 29 -22.17 -13.06 -0.65
C ASN A 29 -21.64 -13.20 0.78
N ASP A 30 -20.92 -14.28 1.05
CA ASP A 30 -20.30 -14.47 2.37
C ASP A 30 -19.20 -13.44 2.62
N ALA A 31 -19.47 -12.48 3.50
CA ALA A 31 -18.52 -11.42 3.79
C ALA A 31 -18.34 -11.19 5.30
N LEU A 32 -17.64 -10.13 5.67
CA LEU A 32 -17.34 -9.85 7.07
C LEU A 32 -18.28 -8.81 7.68
N PRO A 33 -19.02 -9.19 8.73
CA PRO A 33 -19.90 -8.26 9.46
C PRO A 33 -19.12 -7.04 9.95
N GLU A 34 -19.66 -5.85 9.75
CA GLU A 34 -18.98 -4.63 10.16
C GLU A 34 -18.31 -4.75 11.53
N GLU A 35 -18.97 -5.45 12.45
CA GLU A 35 -18.47 -5.62 13.81
C GLU A 35 -16.98 -5.95 13.82
N GLN A 36 -16.65 -7.13 13.28
CA GLN A 36 -15.29 -7.64 13.33
C GLN A 36 -14.39 -7.02 12.30
N GLY A 37 -14.97 -6.32 11.33
CA GLY A 37 -14.19 -5.52 10.40
C GLY A 37 -13.52 -4.38 11.16
N ILE A 38 -14.33 -3.65 11.91
CA ILE A 38 -13.85 -2.56 12.76
C ILE A 38 -12.94 -3.08 13.87
N ALA A 39 -13.30 -4.22 14.46
CA ALA A 39 -12.44 -4.84 15.47
C ALA A 39 -11.02 -5.08 14.93
N VAL A 40 -10.92 -5.65 13.73
CA VAL A 40 -9.62 -5.93 13.13
C VAL A 40 -8.76 -4.67 12.93
N ILE A 41 -9.37 -3.60 12.44
CA ILE A 41 -8.69 -2.32 12.35
C ILE A 41 -8.26 -1.83 13.75
N LYS A 42 -9.19 -1.86 14.70
CA LYS A 42 -8.90 -1.44 16.07
C LYS A 42 -7.69 -2.17 16.65
N GLU A 43 -7.69 -3.49 16.52
CA GLU A 43 -6.60 -4.31 17.05
C GLU A 43 -5.29 -3.98 16.30
N ALA A 44 -5.37 -3.89 14.98
CA ALA A 44 -4.23 -3.39 14.21
C ALA A 44 -3.60 -2.19 14.92
N PHE A 45 -4.39 -1.14 15.15
CA PHE A 45 -3.87 0.06 15.79
C PHE A 45 -3.31 -0.23 17.19
N ASN A 46 -3.97 -1.13 17.92
CA ASN A 46 -3.48 -1.54 19.23
C ASN A 46 -2.10 -2.18 19.14
N CYS A 47 -1.84 -2.89 18.04
CA CYS A 47 -0.53 -3.49 17.83
C CYS A 47 0.47 -2.47 17.29
N GLY A 48 0.06 -1.22 17.22
CA GLY A 48 0.95 -0.15 16.78
C GLY A 48 0.95 0.20 15.29
N ILE A 49 0.05 -0.40 14.51
CA ILE A 49 -0.07 -0.05 13.08
C ILE A 49 -0.95 1.18 12.92
N THR A 50 -0.46 2.19 12.20
CA THR A 50 -1.16 3.47 12.04
C THR A 50 -1.42 3.85 10.58
N PHE A 51 -0.88 3.03 9.68
CA PHE A 51 -0.91 3.25 8.24
C PHE A 51 -1.96 2.30 7.65
N PHE A 52 -3.13 2.82 7.27
CA PHE A 52 -4.19 1.96 6.77
C PHE A 52 -4.52 2.22 5.32
N ASP A 53 -4.56 1.14 4.55
CA ASP A 53 -4.73 1.20 3.10
C ASP A 53 -6.11 0.75 2.63
N THR A 54 -6.70 1.54 1.73
CA THR A 54 -7.95 1.14 1.06
C THR A 54 -8.00 1.73 -0.38
N SER A 55 -9.12 1.55 -1.07
CA SER A 55 -9.36 2.21 -2.36
C SER A 55 -10.84 2.47 -2.56
N ASP A 56 -11.17 3.48 -3.38
CA ASP A 56 -12.58 3.75 -3.71
C ASP A 56 -13.24 2.55 -4.37
N ILE A 57 -12.43 1.72 -5.04
CA ILE A 57 -12.90 0.56 -5.80
C ILE A 57 -13.13 -0.71 -4.93
N TYR A 58 -12.59 -0.74 -3.71
CA TYR A 58 -12.78 -1.92 -2.85
C TYR A 58 -14.20 -1.96 -2.26
N GLY A 59 -14.69 -3.17 -2.02
CA GLY A 59 -16.05 -3.34 -1.57
C GLY A 59 -17.07 -2.91 -2.61
N GLU A 60 -18.25 -2.52 -2.15
CA GLU A 60 -19.35 -2.14 -3.04
C GLU A 60 -19.74 -0.67 -2.88
N ASN A 61 -19.62 0.10 -3.97
CA ASN A 61 -19.88 1.54 -3.93
C ASN A 61 -19.13 2.27 -2.81
N GLY A 62 -17.84 1.99 -2.71
CA GLY A 62 -17.00 2.57 -1.69
C GLY A 62 -17.23 1.99 -0.31
N SER A 63 -17.88 0.83 -0.25
CA SER A 63 -18.16 0.17 1.03
C SER A 63 -16.91 -0.01 1.93
N ASN A 64 -15.74 -0.25 1.31
CA ASN A 64 -14.49 -0.42 2.07
C ASN A 64 -14.04 0.86 2.76
N GLU A 65 -14.01 1.96 1.99
CA GLU A 65 -13.73 3.28 2.55
C GLU A 65 -14.70 3.62 3.70
N GLU A 66 -15.97 3.29 3.52
CA GLU A 66 -16.97 3.57 4.55
C GLU A 66 -16.66 2.83 5.84
N LEU A 67 -16.12 1.62 5.70
CA LEU A 67 -15.77 0.81 6.86
C LEU A 67 -14.63 1.43 7.66
N LEU A 68 -13.54 1.78 6.96
CA LEU A 68 -12.39 2.40 7.62
C LEU A 68 -12.84 3.69 8.29
N GLY A 69 -13.59 4.50 7.54
CA GLY A 69 -14.19 5.71 8.07
C GLY A 69 -14.95 5.50 9.36
N LYS A 70 -15.69 4.39 9.46
CA LYS A 70 -16.42 4.06 10.68
C LYS A 70 -15.49 3.68 11.82
N ALA A 71 -14.42 2.96 11.47
CA ALA A 71 -13.42 2.51 12.42
C ALA A 71 -12.61 3.67 13.01
N LEU A 72 -12.32 4.68 12.19
CA LEU A 72 -11.67 5.91 12.63
C LEU A 72 -12.48 6.65 13.71
N LYS A 73 -13.80 6.48 13.67
CA LYS A 73 -14.67 7.10 14.64
C LYS A 73 -14.17 6.82 16.04
N GLN A 74 -13.74 5.57 16.26
CA GLN A 74 -13.31 5.14 17.58
C GLN A 74 -11.80 5.18 17.71
N LEU A 75 -11.17 5.95 16.83
CA LEU A 75 -9.71 6.05 16.84
C LEU A 75 -9.26 7.50 16.77
N PRO A 76 -8.02 7.75 17.22
CA PRO A 76 -7.46 9.09 17.05
C PRO A 76 -6.91 9.27 15.64
N ARG A 77 -7.77 9.63 14.69
CA ARG A 77 -7.27 10.14 13.41
C ARG A 77 -6.29 11.22 13.86
N GLU A 78 -5.31 11.57 13.03
CA GLU A 78 -4.22 12.46 13.46
C GLU A 78 -3.00 11.64 13.89
N LYS A 79 -3.24 10.50 14.53
CA LYS A 79 -2.19 9.51 14.79
C LYS A 79 -2.21 8.44 13.72
N ILE A 80 -3.19 8.53 12.81
CA ILE A 80 -3.36 7.51 11.80
C ILE A 80 -3.09 8.06 10.41
N GLN A 81 -2.44 7.25 9.57
CA GLN A 81 -2.22 7.64 8.18
C GLN A 81 -3.14 6.84 7.28
N VAL A 82 -4.02 7.55 6.59
CA VAL A 82 -5.01 6.93 5.72
C VAL A 82 -4.54 6.98 4.28
N GLY A 83 -4.25 5.83 3.69
CA GLY A 83 -3.92 5.75 2.28
C GLY A 83 -5.13 5.34 1.48
N THR A 84 -5.52 6.15 0.50
CA THR A 84 -6.55 5.68 -0.43
C THR A 84 -6.28 6.05 -1.90
N LYS A 85 -7.14 5.56 -2.79
CA LYS A 85 -6.83 5.61 -4.21
C LYS A 85 -8.03 5.90 -5.10
N PHE A 86 -7.75 6.39 -6.31
CA PHE A 86 -8.76 6.60 -7.34
C PHE A 86 -8.14 6.14 -8.65
N GLY A 87 -8.95 6.00 -9.71
CA GLY A 87 -8.41 5.75 -11.03
C GLY A 87 -9.05 4.62 -11.77
N ILE A 88 -9.35 3.54 -11.07
CA ILE A 88 -10.12 2.46 -11.68
C ILE A 88 -11.57 2.91 -11.85
N HIS A 89 -11.98 2.97 -13.11
CA HIS A 89 -13.29 3.49 -13.46
C HIS A 89 -14.29 2.35 -13.53
N GLU A 90 -13.90 1.26 -14.18
CA GLU A 90 -14.74 0.08 -14.20
C GLU A 90 -13.91 -1.17 -14.47
N ILE A 91 -14.51 -2.32 -14.24
CA ILE A 91 -13.83 -3.58 -14.38
C ILE A 91 -14.77 -4.52 -15.10
N GLY A 92 -14.27 -5.25 -16.09
CA GLY A 92 -15.13 -6.10 -16.86
C GLY A 92 -14.43 -6.85 -17.96
N PHE A 93 -15.22 -7.62 -18.69
CA PHE A 93 -14.75 -8.45 -19.78
C PHE A 93 -13.67 -7.83 -20.67
N SER A 94 -13.62 -6.52 -20.77
CA SER A 94 -12.57 -5.89 -21.57
C SER A 94 -11.32 -5.53 -20.76
N GLY A 95 -11.28 -5.98 -19.51
CA GLY A 95 -10.17 -5.67 -18.63
C GLY A 95 -10.47 -4.57 -17.62
N VAL A 96 -9.45 -3.80 -17.27
CA VAL A 96 -9.61 -2.69 -16.33
C VAL A 96 -9.43 -1.35 -17.04
N LYS A 97 -10.43 -0.49 -16.91
CA LYS A 97 -10.46 0.82 -17.57
C LYS A 97 -10.15 1.88 -16.50
N ALA A 98 -9.04 2.59 -16.65
CA ALA A 98 -8.70 3.67 -15.74
C ALA A 98 -9.10 5.03 -16.32
N LYS A 99 -9.25 6.01 -15.42
CA LYS A 99 -9.59 7.37 -15.80
C LYS A 99 -8.68 8.29 -15.01
N GLY A 100 -8.09 9.28 -15.68
CA GLY A 100 -7.14 10.18 -15.04
C GLY A 100 -7.37 11.64 -15.37
N THR A 101 -8.60 12.01 -15.68
CA THR A 101 -8.93 13.41 -15.94
C THR A 101 -8.99 14.16 -14.61
N PRO A 102 -8.61 15.46 -14.63
CA PRO A 102 -8.56 16.30 -13.43
C PRO A 102 -9.92 16.37 -12.73
N ASP A 103 -10.99 16.33 -13.51
CA ASP A 103 -12.33 16.35 -12.95
C ASP A 103 -12.55 15.07 -12.17
N TYR A 104 -12.22 13.94 -12.79
CA TYR A 104 -12.40 12.65 -12.13
C TYR A 104 -11.58 12.57 -10.85
N VAL A 105 -10.38 13.14 -10.87
CA VAL A 105 -9.46 13.13 -9.72
C VAL A 105 -10.05 13.84 -8.50
N ARG A 106 -10.63 15.01 -8.77
CA ARG A 106 -11.24 15.85 -7.76
C ARG A 106 -12.52 15.22 -7.23
N SER A 107 -13.39 14.76 -8.13
CA SER A 107 -14.66 14.18 -7.70
C SER A 107 -14.44 12.91 -6.87
N CYS A 108 -13.40 12.15 -7.21
CA CYS A 108 -13.08 10.90 -6.52
C CYS A 108 -12.55 11.20 -5.14
N CYS A 109 -11.64 12.18 -5.07
CA CYS A 109 -11.07 12.61 -3.82
C CYS A 109 -12.14 13.10 -2.84
N GLU A 110 -13.11 13.85 -3.36
CA GLU A 110 -14.17 14.39 -2.52
C GLU A 110 -15.12 13.29 -2.08
N ALA A 111 -15.40 12.36 -2.99
CA ALA A 111 -16.25 11.21 -2.68
C ALA A 111 -15.62 10.35 -1.58
N SER A 112 -14.28 10.24 -1.60
CA SER A 112 -13.53 9.48 -0.61
C SER A 112 -13.46 10.19 0.74
N LEU A 113 -13.35 11.51 0.71
CA LEU A 113 -13.36 12.30 1.93
C LEU A 113 -14.69 12.07 2.63
N LYS A 114 -15.76 12.07 1.85
CA LYS A 114 -17.11 11.90 2.39
C LYS A 114 -17.35 10.50 2.96
N ARG A 115 -17.00 9.47 2.19
CA ARG A 115 -17.20 8.09 2.69
C ARG A 115 -16.32 7.81 3.92
N LEU A 116 -15.07 8.24 3.87
CA LEU A 116 -14.16 8.09 5.01
C LEU A 116 -14.54 8.96 6.19
N ASP A 117 -15.46 9.91 5.95
CA ASP A 117 -15.84 10.92 6.92
C ASP A 117 -14.62 11.60 7.59
N VAL A 118 -13.64 11.99 6.76
CA VAL A 118 -12.46 12.74 7.21
C VAL A 118 -12.36 14.08 6.49
N ASP A 119 -11.49 14.95 6.98
CA ASP A 119 -11.26 16.26 6.36
C ASP A 119 -10.09 16.26 5.37
N TYR A 120 -9.23 15.25 5.44
CA TYR A 120 -8.09 15.13 4.53
C TYR A 120 -7.66 13.68 4.41
N ILE A 121 -7.00 13.37 3.30
CA ILE A 121 -6.40 12.06 3.09
C ILE A 121 -4.89 12.22 3.18
N ASP A 122 -4.20 11.28 3.83
CA ASP A 122 -2.77 11.44 4.03
C ASP A 122 -2.02 11.15 2.75
N LEU A 123 -2.40 10.05 2.12
CA LEU A 123 -1.71 9.52 0.96
C LEU A 123 -2.76 9.13 -0.07
N PHE A 124 -2.79 9.87 -1.17
CA PHE A 124 -3.76 9.63 -2.20
C PHE A 124 -3.01 9.09 -3.42
N TYR A 125 -3.38 7.87 -3.82
CA TYR A 125 -2.72 7.13 -4.88
C TYR A 125 -3.51 7.21 -6.19
N ILE A 126 -2.80 7.32 -7.30
CA ILE A 126 -3.40 6.94 -8.59
C ILE A 126 -3.40 5.43 -8.64
N HIS A 127 -4.57 4.82 -8.65
CA HIS A 127 -4.67 3.37 -8.48
C HIS A 127 -4.33 2.66 -9.80
N ARG A 128 -4.74 3.26 -10.91
CA ARG A 128 -4.31 2.75 -12.21
C ARG A 128 -4.11 3.90 -13.18
N ILE A 129 -3.06 3.79 -13.99
CA ILE A 129 -2.68 4.86 -14.91
C ILE A 129 -3.57 4.86 -16.14
N ASP A 130 -4.14 6.03 -16.43
CA ASP A 130 -4.93 6.24 -17.65
C ASP A 130 -3.99 6.49 -18.81
N THR A 131 -3.88 5.53 -19.70
CA THR A 131 -2.95 5.62 -20.82
C THR A 131 -3.39 6.57 -21.92
N THR A 132 -4.49 7.28 -21.70
CA THR A 132 -4.97 8.24 -22.69
C THR A 132 -4.70 9.71 -22.27
N VAL A 133 -4.40 9.89 -20.98
CA VAL A 133 -4.17 11.20 -20.41
C VAL A 133 -2.74 11.35 -19.92
N PRO A 134 -2.02 12.37 -20.42
CA PRO A 134 -0.66 12.64 -19.96
C PRO A 134 -0.57 12.68 -18.45
N ILE A 135 0.39 11.95 -17.88
CA ILE A 135 0.55 11.89 -16.44
C ILE A 135 0.69 13.29 -15.81
N GLU A 136 1.30 14.24 -16.54
CA GLU A 136 1.45 15.59 -16.00
C GLU A 136 0.10 16.16 -15.61
N ILE A 137 -0.89 15.93 -16.46
CA ILE A 137 -2.23 16.46 -16.23
C ILE A 137 -2.85 15.88 -14.96
N THR A 138 -2.79 14.56 -14.83
CA THR A 138 -3.31 13.90 -13.63
C THR A 138 -2.58 14.43 -12.41
N MET A 139 -1.26 14.50 -12.48
CA MET A 139 -0.46 14.98 -11.35
C MET A 139 -0.68 16.47 -11.07
N GLY A 140 -1.13 17.20 -12.09
CA GLY A 140 -1.44 18.60 -11.93
C GLY A 140 -2.58 18.81 -10.94
N GLU A 141 -3.64 18.01 -11.07
CA GLU A 141 -4.79 18.15 -10.20
C GLU A 141 -4.46 17.70 -8.77
N LEU A 142 -3.69 16.64 -8.64
CA LEU A 142 -3.26 16.14 -7.33
C LEU A 142 -2.47 17.17 -6.53
N LYS A 143 -1.58 17.90 -7.21
CA LYS A 143 -0.87 19.03 -6.63
C LYS A 143 -1.82 20.07 -6.04
N LYS A 144 -2.81 20.49 -6.81
CA LYS A 144 -3.84 21.41 -6.32
C LYS A 144 -4.44 20.91 -5.01
N LEU A 145 -4.74 19.61 -4.97
CA LEU A 145 -5.43 19.01 -3.83
C LEU A 145 -4.52 18.98 -2.61
N VAL A 146 -3.22 18.82 -2.85
CA VAL A 146 -2.24 18.92 -1.76
C VAL A 146 -2.25 20.33 -1.20
N GLU A 147 -2.16 21.31 -2.09
CA GLU A 147 -2.11 22.71 -1.72
C GLU A 147 -3.40 23.19 -1.05
N GLU A 148 -4.53 22.61 -1.42
CA GLU A 148 -5.79 22.91 -0.76
C GLU A 148 -5.93 22.16 0.57
N GLY A 149 -5.01 21.24 0.84
CA GLY A 149 -5.02 20.52 2.10
C GLY A 149 -5.98 19.35 2.12
N LYS A 150 -6.53 19.01 0.95
CA LYS A 150 -7.45 17.87 0.81
C LYS A 150 -6.71 16.53 0.90
N ILE A 151 -5.49 16.52 0.39
CA ILE A 151 -4.60 15.38 0.54
C ILE A 151 -3.23 15.93 0.92
N LYS A 152 -2.39 15.09 1.52
CA LYS A 152 -1.07 15.53 1.97
C LYS A 152 0.01 15.01 1.05
N TYR A 153 -0.13 13.77 0.61
CA TYR A 153 0.92 13.10 -0.14
C TYR A 153 0.38 12.28 -1.29
N VAL A 154 1.21 12.13 -2.32
CA VAL A 154 0.81 11.47 -3.56
C VAL A 154 1.50 10.13 -3.75
N GLY A 155 0.76 9.15 -4.26
CA GLY A 155 1.29 7.82 -4.45
C GLY A 155 0.93 7.34 -5.82
N LEU A 156 1.67 6.34 -6.30
CA LEU A 156 1.39 5.73 -7.59
C LEU A 156 1.31 4.22 -7.37
N SER A 157 0.62 3.53 -8.27
CA SER A 157 0.51 2.08 -8.16
C SER A 157 0.84 1.43 -9.48
N GLU A 158 1.86 0.58 -9.48
CA GLU A 158 2.22 -0.20 -10.66
C GLU A 158 2.43 0.68 -11.89
N ALA A 159 3.15 1.79 -11.71
CA ALA A 159 3.46 2.72 -12.80
C ALA A 159 4.76 2.33 -13.50
N SER A 160 4.89 2.66 -14.79
CA SER A 160 6.16 2.46 -15.49
C SER A 160 7.19 3.46 -14.99
N PRO A 161 8.47 3.20 -15.29
CA PRO A 161 9.53 4.16 -15.00
C PRO A 161 9.26 5.53 -15.62
N ASP A 162 8.86 5.57 -16.90
CA ASP A 162 8.59 6.86 -17.55
C ASP A 162 7.49 7.62 -16.82
N THR A 163 6.42 6.90 -16.47
CA THR A 163 5.32 7.50 -15.74
C THR A 163 5.83 8.08 -14.41
N ILE A 164 6.64 7.31 -13.68
CA ILE A 164 7.24 7.78 -12.43
C ILE A 164 8.11 9.05 -12.62
N ARG A 165 9.07 9.00 -13.55
CA ARG A 165 9.93 10.16 -13.78
C ARG A 165 9.09 11.43 -14.00
N ARG A 166 8.08 11.32 -14.86
CA ARG A 166 7.30 12.48 -15.31
C ARG A 166 6.31 12.96 -14.24
N ALA A 167 5.75 12.03 -13.47
CA ALA A 167 4.85 12.41 -12.40
C ALA A 167 5.63 13.23 -11.39
N HIS A 168 6.81 12.72 -11.05
CA HIS A 168 7.61 13.28 -9.96
C HIS A 168 8.11 14.66 -10.35
N ALA A 169 8.31 14.89 -11.63
CA ALA A 169 8.73 16.20 -12.10
C ALA A 169 7.66 17.23 -11.75
N VAL A 170 6.40 16.86 -11.98
CA VAL A 170 5.29 17.75 -11.67
C VAL A 170 5.15 17.95 -10.16
N HIS A 171 5.13 16.86 -9.41
CA HIS A 171 5.03 16.93 -7.96
C HIS A 171 5.63 15.67 -7.36
N PRO A 172 6.42 15.84 -6.28
CA PRO A 172 7.12 14.69 -5.70
C PRO A 172 6.15 13.56 -5.38
N VAL A 173 6.49 12.35 -5.78
CA VAL A 173 5.70 11.19 -5.38
C VAL A 173 6.24 10.71 -4.06
N THR A 174 5.32 10.33 -3.16
CA THR A 174 5.70 9.94 -1.80
C THR A 174 5.81 8.43 -1.69
N ALA A 175 5.00 7.71 -2.45
CA ALA A 175 4.97 6.26 -2.35
C ALA A 175 4.64 5.62 -3.69
N LEU A 176 5.26 4.48 -3.93
CA LEU A 176 4.94 3.67 -5.07
C LEU A 176 4.52 2.32 -4.55
N GLN A 177 3.29 1.93 -4.87
CA GLN A 177 2.72 0.65 -4.44
C GLN A 177 2.91 -0.39 -5.53
N ILE A 178 3.40 -1.55 -5.13
CA ILE A 178 3.93 -2.44 -6.13
C ILE A 178 3.94 -3.85 -5.55
N GLU A 179 4.09 -4.84 -6.40
CA GLU A 179 4.17 -6.21 -5.91
C GLU A 179 5.63 -6.57 -5.68
N TYR A 180 5.92 -7.10 -4.50
CA TYR A 180 7.29 -7.44 -4.12
C TYR A 180 7.33 -8.49 -3.02
N SER A 181 7.97 -9.62 -3.33
CA SER A 181 8.16 -10.70 -2.37
C SER A 181 9.32 -11.60 -2.82
N LEU A 182 9.63 -12.61 -2.01
CA LEU A 182 10.65 -13.58 -2.36
C LEU A 182 10.44 -14.17 -3.74
N TRP A 183 9.17 -14.35 -4.10
CA TRP A 183 8.80 -15.01 -5.36
C TRP A 183 8.60 -14.04 -6.52
N THR A 184 8.62 -12.74 -6.22
CA THR A 184 8.35 -11.71 -7.24
C THR A 184 9.30 -10.51 -7.08
N ARG A 185 10.44 -10.55 -7.77
CA ARG A 185 11.47 -9.54 -7.53
C ARG A 185 11.77 -8.61 -8.70
N ASP A 186 10.88 -8.58 -9.69
CA ASP A 186 11.06 -7.78 -10.94
C ASP A 186 11.46 -6.32 -10.74
N ILE A 187 10.90 -5.69 -9.70
CA ILE A 187 11.14 -4.27 -9.41
C ILE A 187 12.59 -3.94 -9.04
N GLU A 188 13.37 -4.97 -8.72
CA GLU A 188 14.76 -4.77 -8.28
C GLU A 188 15.67 -4.26 -9.40
N ASP A 189 15.31 -4.51 -10.65
CA ASP A 189 16.16 -4.13 -11.78
C ASP A 189 16.21 -2.61 -11.93
N GLU A 190 15.04 -1.99 -12.09
CA GLU A 190 14.95 -0.57 -12.42
C GLU A 190 14.04 0.17 -11.43
N ILE A 191 12.86 -0.36 -11.19
CA ILE A 191 11.91 0.30 -10.31
C ILE A 191 12.51 0.76 -8.97
N VAL A 192 13.19 -0.16 -8.27
CA VAL A 192 13.78 0.17 -6.97
C VAL A 192 14.92 1.18 -7.05
N PRO A 193 15.92 0.93 -7.93
CA PRO A 193 16.91 1.99 -8.12
C PRO A 193 16.23 3.35 -8.30
N LEU A 194 15.15 3.39 -9.09
CA LEU A 194 14.42 4.64 -9.36
C LEU A 194 13.86 5.28 -8.10
N CYS A 195 13.09 4.53 -7.31
CA CYS A 195 12.52 5.10 -6.10
C CYS A 195 13.67 5.62 -5.24
N ARG A 196 14.77 4.89 -5.20
CA ARG A 196 15.90 5.31 -4.37
C ARG A 196 16.57 6.60 -4.86
N GLN A 197 16.67 6.78 -6.18
CA GLN A 197 17.20 8.05 -6.72
C GLN A 197 16.29 9.25 -6.42
N LEU A 198 14.99 9.07 -6.61
CA LEU A 198 14.04 10.17 -6.46
C LEU A 198 13.48 10.21 -5.02
N GLY A 199 13.97 9.30 -4.18
CA GLY A 199 13.50 9.23 -2.80
C GLY A 199 11.99 9.00 -2.74
N ILE A 200 11.51 7.98 -3.44
CA ILE A 200 10.11 7.59 -3.37
C ILE A 200 10.02 6.33 -2.50
N GLY A 201 9.07 6.30 -1.56
CA GLY A 201 8.92 5.12 -0.72
C GLY A 201 8.30 3.96 -1.49
N ILE A 202 8.69 2.72 -1.14
CA ILE A 202 8.22 1.51 -1.77
C ILE A 202 7.22 0.75 -0.84
N VAL A 203 5.98 0.49 -1.29
CA VAL A 203 4.96 -0.12 -0.43
C VAL A 203 4.46 -1.47 -0.95
N PRO A 204 5.14 -2.57 -0.62
CA PRO A 204 4.68 -3.81 -1.23
C PRO A 204 3.27 -4.21 -0.77
N TYR A 205 2.45 -4.72 -1.69
CA TYR A 205 1.03 -5.00 -1.47
C TYR A 205 0.58 -6.39 -1.93
N SER A 206 0.21 -7.24 -0.97
CA SER A 206 -0.32 -8.60 -1.23
C SER A 206 0.47 -9.38 -2.29
N ASN A 242 9.83 -29.24 -6.06
CA ASN A 242 9.11 -28.02 -5.70
C ASN A 242 8.80 -27.92 -4.20
N LYS A 243 8.52 -29.07 -3.58
CA LYS A 243 8.27 -29.09 -2.14
C LYS A 243 9.60 -28.89 -1.43
N GLN A 244 10.70 -29.24 -2.11
CA GLN A 244 12.03 -28.97 -1.59
C GLN A 244 12.12 -27.52 -1.17
N ILE A 245 11.56 -26.66 -2.04
CA ILE A 245 11.57 -25.22 -1.81
C ILE A 245 10.76 -24.80 -0.58
N TYR A 246 9.58 -25.39 -0.39
CA TYR A 246 8.80 -25.12 0.81
C TYR A 246 9.59 -25.51 2.06
N TYR A 247 10.10 -26.75 2.05
CA TYR A 247 10.91 -27.25 3.15
C TYR A 247 12.18 -26.40 3.38
N ARG A 248 12.87 -26.00 2.31
CA ARG A 248 13.99 -25.07 2.47
C ARG A 248 13.55 -23.87 3.30
N ILE A 249 12.42 -23.30 2.89
CA ILE A 249 11.91 -22.10 3.54
C ILE A 249 11.55 -22.34 5.00
N GLU A 250 10.78 -23.39 5.25
CA GLU A 250 10.37 -23.73 6.60
C GLU A 250 11.60 -24.02 7.46
N ALA A 251 12.52 -24.83 6.94
CA ALA A 251 13.76 -25.09 7.67
C ALA A 251 14.49 -23.79 7.99
N LEU A 252 14.40 -22.81 7.08
CA LEU A 252 15.01 -21.51 7.34
C LEU A 252 14.22 -20.70 8.35
N SER A 253 12.90 -20.73 8.26
CA SER A 253 12.06 -20.03 9.26
C SER A 253 12.25 -20.65 10.66
N GLN A 254 12.31 -21.97 10.73
CA GLN A 254 12.56 -22.63 12.04
C GLN A 254 13.87 -22.13 12.65
N LYS A 255 14.92 -22.07 11.82
CA LYS A 255 16.21 -21.61 12.29
C LYS A 255 16.18 -20.16 12.80
N HIS A 256 15.29 -19.35 12.24
CA HIS A 256 15.14 -17.95 12.69
C HIS A 256 13.97 -17.76 13.64
N GLY A 257 13.48 -18.85 14.22
CA GLY A 257 12.44 -18.78 15.23
C GLY A 257 11.13 -18.15 14.80
N CYS A 258 10.79 -18.29 13.52
CA CYS A 258 9.53 -17.75 13.03
C CYS A 258 8.79 -18.72 12.11
N THR A 259 7.61 -18.31 11.67
CA THR A 259 6.83 -19.10 10.72
C THR A 259 7.23 -18.73 9.29
N PRO A 260 6.96 -19.62 8.34
CA PRO A 260 7.30 -19.33 6.94
C PRO A 260 6.74 -17.98 6.47
N VAL A 261 5.47 -17.74 6.71
CA VAL A 261 4.85 -16.45 6.39
C VAL A 261 5.65 -15.31 7.04
N GLN A 262 5.93 -15.45 8.33
CA GLN A 262 6.72 -14.45 9.04
C GLN A 262 8.07 -14.23 8.34
N LEU A 263 8.68 -15.31 7.89
CA LEU A 263 10.02 -15.21 7.31
C LEU A 263 10.00 -14.46 5.97
N ALA A 264 9.02 -14.78 5.11
CA ALA A 264 8.85 -14.10 3.84
C ALA A 264 8.60 -12.61 4.06
N LEU A 265 7.76 -12.28 5.04
CA LEU A 265 7.54 -10.90 5.38
C LEU A 265 8.81 -10.22 5.88
N ALA A 266 9.53 -10.92 6.75
CA ALA A 266 10.75 -10.38 7.31
C ALA A 266 11.76 -10.12 6.19
N TRP A 267 11.74 -10.96 5.16
CA TRP A 267 12.64 -10.78 4.03
C TRP A 267 12.30 -9.46 3.36
N VAL A 268 11.02 -9.21 3.10
CA VAL A 268 10.63 -7.92 2.51
C VAL A 268 11.04 -6.74 3.38
N LEU A 269 10.74 -6.82 4.68
CA LEU A 269 11.10 -5.76 5.62
C LEU A 269 12.59 -5.39 5.59
N HIS A 270 13.43 -6.39 5.38
CA HIS A 270 14.87 -6.17 5.41
C HIS A 270 15.40 -5.63 4.10
N GLN A 271 14.53 -5.42 3.10
CA GLN A 271 15.00 -4.93 1.80
C GLN A 271 15.26 -3.43 1.75
N GLY A 272 14.94 -2.75 2.84
CA GLY A 272 15.30 -1.34 2.97
C GLY A 272 14.44 -0.57 3.97
N GLU A 273 14.96 0.56 4.43
CA GLU A 273 14.28 1.41 5.40
C GLU A 273 13.10 2.14 4.77
N ASP A 274 13.10 2.19 3.44
CA ASP A 274 12.08 2.87 2.65
C ASP A 274 11.05 1.87 2.11
N VAL A 275 10.97 0.70 2.74
CA VAL A 275 10.06 -0.35 2.30
C VAL A 275 9.00 -0.58 3.39
N VAL A 276 7.73 -0.35 3.09
CA VAL A 276 6.66 -0.55 4.09
C VAL A 276 5.53 -1.42 3.53
N PRO A 277 5.65 -2.74 3.71
CA PRO A 277 4.65 -3.67 3.19
C PRO A 277 3.31 -3.45 3.89
N ILE A 278 2.21 -3.83 3.23
CA ILE A 278 0.87 -3.61 3.74
C ILE A 278 0.03 -4.89 3.66
N PRO A 279 0.51 -5.99 4.27
CA PRO A 279 -0.33 -7.19 4.24
C PRO A 279 -1.76 -6.89 4.71
N GLY A 280 -2.72 -7.63 4.20
CA GLY A 280 -4.08 -7.55 4.70
C GLY A 280 -4.44 -8.86 5.33
N THR A 281 -5.45 -8.85 6.20
CA THR A 281 -6.01 -10.09 6.71
C THR A 281 -7.40 -9.81 7.26
N THR A 282 -8.18 -10.88 7.45
CA THR A 282 -9.52 -10.76 8.01
C THR A 282 -9.55 -11.38 9.40
N LYS A 283 -8.44 -12.03 9.76
CA LYS A 283 -8.38 -12.69 11.05
C LYS A 283 -7.33 -12.04 11.93
N ILE A 284 -7.64 -11.96 13.23
CA ILE A 284 -6.74 -11.35 14.19
C ILE A 284 -5.46 -12.16 14.29
N LYS A 285 -5.58 -13.46 14.51
CA LYS A 285 -4.42 -14.35 14.50
C LYS A 285 -3.40 -13.98 13.41
N ASN A 286 -3.83 -13.97 12.15
CA ASN A 286 -2.91 -13.67 11.05
C ASN A 286 -2.27 -12.32 11.25
N LEU A 287 -3.08 -11.34 11.62
CA LEU A 287 -2.60 -10.02 12.00
C LEU A 287 -1.45 -10.10 13.04
N HIS A 288 -1.68 -10.81 14.15
CA HIS A 288 -0.63 -10.94 15.15
C HIS A 288 0.57 -11.69 14.63
N ASN A 289 0.33 -12.72 13.82
CA ASN A 289 1.48 -13.41 13.22
C ASN A 289 2.31 -12.40 12.45
N ASN A 290 1.62 -11.54 11.69
CA ASN A 290 2.29 -10.58 10.82
C ASN A 290 3.12 -9.56 11.60
N VAL A 291 2.50 -8.99 12.62
CA VAL A 291 3.17 -8.08 13.52
C VAL A 291 4.43 -8.73 14.09
N GLY A 292 4.28 -9.97 14.56
CA GLY A 292 5.40 -10.78 15.03
C GLY A 292 6.61 -10.80 14.10
N ALA A 293 6.39 -10.71 12.79
CA ALA A 293 7.50 -10.75 11.85
C ALA A 293 8.47 -9.61 12.07
N LEU A 294 8.07 -8.64 12.88
CA LEU A 294 8.92 -7.48 13.09
C LEU A 294 10.06 -7.78 14.07
N LYS A 295 9.87 -8.80 14.91
CA LYS A 295 10.90 -9.30 15.84
C LYS A 295 12.09 -10.02 15.18
N VAL A 296 11.91 -10.48 13.94
CA VAL A 296 12.96 -11.26 13.24
C VAL A 296 14.06 -10.36 12.72
N LYS A 297 15.29 -10.61 13.16
CA LYS A 297 16.43 -9.82 12.72
C LYS A 297 17.30 -10.67 11.81
N LEU A 298 17.56 -10.17 10.61
CA LEU A 298 18.31 -10.96 9.65
C LEU A 298 19.61 -10.26 9.26
N THR A 299 20.73 -10.96 9.43
CA THR A 299 22.00 -10.46 8.94
C THR A 299 22.00 -10.48 7.42
N LYS A 300 23.00 -9.85 6.80
CA LYS A 300 23.11 -9.87 5.35
C LYS A 300 23.33 -11.30 4.88
N GLU A 301 24.13 -12.05 5.63
CA GLU A 301 24.32 -13.47 5.38
C GLU A 301 22.97 -14.22 5.36
N ASP A 302 22.18 -14.07 6.42
CA ASP A 302 20.85 -14.68 6.50
C ASP A 302 19.96 -14.33 5.31
N LEU A 303 19.99 -13.07 4.88
CA LEU A 303 19.13 -12.63 3.78
C LEU A 303 19.47 -13.36 2.49
N LYS A 304 20.75 -13.40 2.14
CA LYS A 304 21.17 -14.12 0.94
C LYS A 304 20.76 -15.58 0.98
N GLU A 305 20.94 -16.21 2.14
CA GLU A 305 20.59 -17.64 2.28
C GLU A 305 19.11 -17.83 1.98
N ILE A 306 18.30 -16.92 2.52
CA ILE A 306 16.87 -16.98 2.28
C ILE A 306 16.51 -16.74 0.80
N SER A 307 17.08 -15.72 0.18
CA SER A 307 16.79 -15.48 -1.24
C SER A 307 17.45 -16.48 -2.18
N ASP A 308 18.50 -17.16 -1.73
CA ASP A 308 19.10 -18.21 -2.54
C ASP A 308 18.21 -19.44 -2.55
N ALA A 309 17.44 -19.62 -1.48
CA ALA A 309 16.59 -20.79 -1.36
C ALA A 309 15.37 -20.72 -2.29
N VAL A 310 15.15 -19.54 -2.88
CA VAL A 310 14.06 -19.34 -3.82
C VAL A 310 14.58 -18.81 -5.17
N PRO A 311 14.65 -19.69 -6.19
CA PRO A 311 14.95 -19.24 -7.55
C PRO A 311 13.77 -18.52 -8.20
N ALA A 332 3.13 0.13 -19.55
CA ALA A 332 2.05 1.11 -19.71
C ALA A 332 2.51 2.56 -19.50
N ASN A 333 2.64 3.30 -20.60
CA ASN A 333 3.03 4.70 -20.55
C ASN A 333 1.88 5.63 -20.94
N THR A 334 1.84 6.82 -20.33
CA THR A 334 0.93 7.86 -20.79
C THR A 334 1.56 8.56 -21.99
N PRO A 335 0.71 9.10 -22.89
CA PRO A 335 1.20 9.80 -24.10
C PRO A 335 1.91 11.11 -23.73
N PRO A 336 2.93 11.50 -24.53
CA PRO A 336 3.83 12.61 -24.25
C PRO A 336 3.15 13.98 -24.22
N LEU A 337 3.90 15.02 -23.87
CA LEU A 337 3.36 16.38 -23.70
C LEU A 337 2.44 16.52 -22.48
#